data_5ZMO
#
_entry.id   5ZMO
#
_cell.length_a   88.022
_cell.length_b   57.148
_cell.length_c   42.320
_cell.angle_alpha   90.000
_cell.angle_beta   101.350
_cell.angle_gamma   90.000
#
_symmetry.space_group_name_H-M   'C 1 2 1'
#
loop_
_entity.id
_entity.type
_entity.pdbx_description
1 polymer 'Uncharacterized protein McrA'
2 polymer "DNA (5'-D(P*CP*CP*GP*(GS)P*CP*CP*GP*G)-3')"
3 non-polymer 'PHOSPHATE ION'
4 water water
#
loop_
_entity_poly.entity_id
_entity_poly.type
_entity_poly.pdbx_seq_one_letter_code
_entity_poly.pdbx_strand_id
1 'polypeptide(L)'
;GSREAPKTFHRRVGDVRPARRAMGPALHRPVLLLWAIGQAVARAPRLQPWSTTRDAVAPLMEKYGQVEDGVDGVRYPFWA
LVRDDLWCVEQAEELTLTSRGRRPTLESLNAVDPSAGLREDDYNLLRSQPEAAASAAAGLIARYFHLLPAGLLEDFGLHE
LLAGRWPDALRP
;
A
2 'polydeoxyribonucleotide' (DC)(DC)(DG)(GS)(DC)(DC)(DG)(DG) B,C
#
loop_
_chem_comp.id
_chem_comp.type
_chem_comp.name
_chem_comp.formula
DC DNA linking 2'-DEOXYCYTIDINE-5'-MONOPHOSPHATE 'C9 H14 N3 O7 P'
DG DNA linking 2'-DEOXYGUANOSINE-5'-MONOPHOSPHATE 'C10 H14 N5 O7 P'
GS DNA linking GUANOSINE-5'-THIO-MONOPHOSPHATE 'C10 H14 N5 O6 P S'
PO4 non-polymer 'PHOSPHATE ION' 'O4 P -3'
#
# COMPACT_ATOMS: atom_id res chain seq x y z
N PRO A 6 -11.38 11.65 -15.51
CA PRO A 6 -10.46 11.23 -14.43
C PRO A 6 -10.64 9.75 -14.11
N LYS A 7 -9.54 9.05 -13.86
CA LYS A 7 -9.57 7.60 -13.79
C LYS A 7 -10.14 7.17 -12.44
N THR A 8 -10.97 6.15 -12.49
CA THR A 8 -11.55 5.56 -11.27
C THR A 8 -10.46 4.96 -10.38
N PHE A 9 -10.80 4.81 -9.09
CA PHE A 9 -9.87 4.11 -8.18
C PHE A 9 -9.60 2.68 -8.67
N HIS A 10 -10.68 1.94 -9.00
CA HIS A 10 -10.56 0.58 -9.62
C HIS A 10 -9.58 0.54 -10.79
N ARG A 11 -9.70 1.51 -11.70
CA ARG A 11 -8.80 1.56 -12.88
C ARG A 11 -7.37 1.89 -12.47
N ARG A 12 -7.22 2.86 -11.58
CA ARG A 12 -5.85 3.21 -11.10
C ARG A 12 -5.16 2.02 -10.44
N VAL A 13 -5.87 1.30 -9.59
CA VAL A 13 -5.35 0.11 -8.95
C VAL A 13 -5.01 -0.95 -10.01
N GLY A 14 -5.86 -1.14 -11.02
CA GLY A 14 -5.59 -2.13 -12.08
C GLY A 14 -4.42 -1.74 -13.02
N ASP A 15 -4.11 -0.46 -13.11
CA ASP A 15 -2.90 0.02 -13.85
C ASP A 15 -1.59 -0.18 -13.10
N VAL A 16 -1.64 -0.58 -11.84
CA VAL A 16 -0.42 -0.94 -11.13
C VAL A 16 0.01 -2.31 -11.66
N ARG A 17 1.14 -2.35 -12.41
CA ARG A 17 1.61 -3.59 -13.00
C ARG A 17 3.09 -3.73 -12.62
N PRO A 18 3.40 -4.38 -11.51
CA PRO A 18 4.81 -4.38 -11.07
C PRO A 18 5.66 -5.24 -11.98
N ALA A 19 6.94 -5.03 -11.92
CA ALA A 19 7.88 -5.82 -12.73
C ALA A 19 7.78 -7.28 -12.31
N ARG A 20 7.76 -8.17 -13.30
CA ARG A 20 7.62 -9.61 -13.11
C ARG A 20 8.99 -10.21 -13.15
N ARG A 21 9.51 -10.66 -12.00
CA ARG A 21 10.86 -11.33 -11.94
C ARG A 21 10.63 -12.85 -11.99
N ALA A 22 11.72 -13.64 -11.95
CA ALA A 22 11.62 -15.12 -12.00
C ALA A 22 10.73 -15.66 -10.87
N MET A 23 10.93 -15.08 -9.69
CA MET A 23 10.20 -15.44 -8.49
C MET A 23 8.78 -14.94 -8.51
N GLY A 24 8.46 -13.94 -9.35
CA GLY A 24 7.10 -13.40 -9.48
C GLY A 24 7.09 -11.87 -9.54
N PRO A 25 5.90 -11.28 -9.65
CA PRO A 25 5.87 -9.80 -9.59
C PRO A 25 6.35 -9.29 -8.23
N ALA A 26 6.92 -8.09 -8.22
CA ALA A 26 7.18 -7.37 -6.95
C ALA A 26 5.85 -7.14 -6.23
N LEU A 27 5.70 -7.67 -5.01
CA LEU A 27 4.43 -7.59 -4.30
C LEU A 27 4.28 -6.34 -3.40
N HIS A 28 5.25 -5.44 -3.47
CA HIS A 28 5.35 -4.25 -2.57
C HIS A 28 4.13 -3.35 -2.65
N ARG A 29 3.75 -2.96 -3.89
CA ARG A 29 2.60 -2.09 -4.11
C ARG A 29 1.30 -2.77 -3.78
N PRO A 30 1.07 -4.03 -4.27
CA PRO A 30 -0.08 -4.78 -3.89
C PRO A 30 -0.29 -4.94 -2.39
N VAL A 31 0.79 -5.17 -1.69
CA VAL A 31 0.67 -5.33 -0.19
C VAL A 31 0.27 -3.96 0.46
N LEU A 32 0.94 -2.88 0.13
CA LEU A 32 0.57 -1.60 0.70
C LEU A 32 -0.82 -1.17 0.35
N LEU A 33 -1.23 -1.36 -0.92
CA LEU A 33 -2.62 -1.05 -1.30
C LEU A 33 -3.63 -1.89 -0.53
N LEU A 34 -3.43 -3.20 -0.49
CA LEU A 34 -4.39 -4.03 0.33
C LEU A 34 -4.50 -3.62 1.79
N TRP A 35 -3.38 -3.25 2.38
CA TRP A 35 -3.33 -2.81 3.76
C TRP A 35 -4.11 -1.53 3.86
N ALA A 36 -3.83 -0.59 2.95
CA ALA A 36 -4.56 0.72 2.99
C ALA A 36 -6.10 0.59 2.80
N ILE A 37 -6.54 -0.39 2.00
CA ILE A 37 -7.97 -0.61 1.83
C ILE A 37 -8.53 -1.11 3.12
N GLY A 38 -7.85 -2.08 3.72
CA GLY A 38 -8.26 -2.56 5.07
C GLY A 38 -8.31 -1.47 6.13
N GLN A 39 -7.33 -0.57 6.08
CA GLN A 39 -7.33 0.59 7.01
C GLN A 39 -8.57 1.50 6.76
N ALA A 40 -8.92 1.76 5.50
CA ALA A 40 -10.07 2.65 5.21
C ALA A 40 -11.34 2.00 5.75
N VAL A 41 -11.50 0.73 5.47
CA VAL A 41 -12.62 -0.05 5.94
C VAL A 41 -12.73 -0.07 7.47
N ALA A 42 -11.62 -0.10 8.20
CA ALA A 42 -11.67 -0.01 9.65
C ALA A 42 -11.80 1.47 10.13
N ARG A 43 -11.85 2.45 9.21
CA ARG A 43 -11.99 3.89 9.55
C ARG A 43 -10.81 4.37 10.32
N ALA A 44 -9.65 3.81 10.04
CA ALA A 44 -8.46 4.39 10.62
C ALA A 44 -8.25 5.73 9.93
N PRO A 45 -7.41 6.62 10.52
CA PRO A 45 -7.17 7.90 9.88
C PRO A 45 -6.63 7.70 8.48
N ARG A 46 -7.01 8.56 7.56
CA ARG A 46 -6.53 8.44 6.16
C ARG A 46 -5.02 8.62 6.01
N LEU A 47 -4.49 9.67 6.64
CA LEU A 47 -3.05 9.93 6.67
C LEU A 47 -2.48 9.37 7.96
N GLN A 48 -1.44 8.54 7.81
CA GLN A 48 -0.83 7.88 8.94
C GLN A 48 0.65 8.07 8.83
N PRO A 49 1.33 8.27 9.96
CA PRO A 49 2.80 8.47 9.86
C PRO A 49 3.59 7.28 9.22
N TRP A 50 4.68 7.61 8.52
CA TRP A 50 5.63 6.58 8.11
C TRP A 50 5.94 5.53 9.18
N SER A 51 6.26 5.97 10.40
CA SER A 51 6.63 5.05 11.45
C SER A 51 5.50 4.05 11.76
N THR A 52 4.25 4.52 11.82
CA THR A 52 3.15 3.62 12.10
C THR A 52 2.93 2.66 10.93
N THR A 53 3.14 3.16 9.73
CA THR A 53 2.81 2.42 8.52
C THR A 53 3.89 1.34 8.36
N ARG A 54 5.15 1.75 8.48
CA ARG A 54 6.32 0.85 8.48
C ARG A 54 6.11 -0.29 9.45
N ASP A 55 5.72 0.04 10.68
CA ASP A 55 5.54 -0.99 11.69
C ASP A 55 4.38 -1.94 11.48
N ALA A 56 3.29 -1.46 10.90
CA ALA A 56 2.19 -2.27 10.53
C ALA A 56 2.46 -3.16 9.32
N VAL A 57 3.15 -2.60 8.33
CA VAL A 57 3.19 -3.24 7.05
C VAL A 57 4.43 -4.11 6.85
N ALA A 58 5.50 -3.77 7.53
CA ALA A 58 6.77 -4.53 7.39
C ALA A 58 6.59 -6.05 7.60
N PRO A 59 5.93 -6.45 8.69
CA PRO A 59 5.77 -7.90 8.86
C PRO A 59 4.85 -8.56 7.84
N LEU A 60 3.87 -7.82 7.30
CA LEU A 60 3.08 -8.34 6.15
C LEU A 60 3.86 -8.48 4.86
N MET A 61 4.74 -7.52 4.63
CA MET A 61 5.71 -7.54 3.50
C MET A 61 6.57 -8.81 3.58
N GLU A 62 7.07 -9.13 4.77
CA GLU A 62 7.85 -10.35 4.97
C GLU A 62 7.03 -11.62 4.84
N LYS A 63 5.88 -11.69 5.51
CA LYS A 63 5.10 -12.91 5.48
C LYS A 63 4.42 -13.16 4.12
N TYR A 64 3.70 -12.19 3.59
CA TYR A 64 2.88 -12.37 2.36
C TYR A 64 3.56 -11.87 1.08
N GLY A 65 4.46 -10.93 1.22
CA GLY A 65 5.14 -10.29 0.07
C GLY A 65 6.49 -10.87 -0.38
N GLN A 66 6.98 -11.92 0.29
CA GLN A 66 8.30 -12.53 -0.10
C GLN A 66 9.48 -11.61 -0.02
N VAL A 67 9.43 -10.61 0.86
N VAL A 67 9.44 -10.64 0.91
CA VAL A 67 10.56 -9.69 0.96
CA VAL A 67 10.48 -9.61 1.03
C VAL A 67 11.41 -10.22 2.11
C VAL A 67 11.37 -9.98 2.22
N GLU A 68 12.70 -9.96 2.05
CA GLU A 68 13.61 -10.38 3.10
C GLU A 68 13.60 -9.38 4.25
N ASP A 69 13.60 -8.11 3.93
CA ASP A 69 13.59 -7.05 4.95
C ASP A 69 12.37 -6.17 4.67
N GLY A 70 11.36 -6.34 5.50
CA GLY A 70 10.08 -5.66 5.35
C GLY A 70 10.13 -4.17 5.51
N VAL A 71 11.10 -3.65 6.30
CA VAL A 71 11.20 -2.22 6.51
C VAL A 71 11.74 -1.58 5.22
N ASP A 72 12.86 -2.18 4.81
CA ASP A 72 13.49 -1.80 3.58
C ASP A 72 12.50 -1.92 2.43
N GLY A 73 11.64 -2.92 2.46
CA GLY A 73 10.62 -3.19 1.52
C GLY A 73 9.55 -2.14 1.45
N VAL A 74 8.92 -1.82 2.61
CA VAL A 74 7.78 -0.86 2.65
C VAL A 74 8.10 0.56 2.09
N ARG A 75 9.35 1.02 2.24
CA ARG A 75 9.72 2.35 1.84
C ARG A 75 9.50 2.53 0.30
N TYR A 76 9.68 1.45 -0.49
CA TYR A 76 9.57 1.56 -1.96
C TYR A 76 8.13 1.96 -2.43
N PRO A 77 7.09 1.22 -2.01
CA PRO A 77 5.69 1.58 -2.42
C PRO A 77 5.18 2.82 -1.69
N PHE A 78 5.68 3.08 -0.48
CA PHE A 78 5.29 4.25 0.32
C PHE A 78 5.51 5.52 -0.44
N TRP A 79 6.54 5.52 -1.27
CA TRP A 79 6.78 6.61 -2.22
C TRP A 79 6.28 6.43 -3.62
N ALA A 80 6.45 5.24 -4.18
CA ALA A 80 6.14 4.97 -5.58
C ALA A 80 4.68 5.03 -5.91
N LEU A 81 3.81 4.68 -4.97
CA LEU A 81 2.38 4.85 -5.19
C LEU A 81 1.90 6.31 -5.50
N VAL A 82 2.63 7.33 -5.05
CA VAL A 82 2.35 8.74 -5.43
C VAL A 82 2.29 8.86 -6.93
N ARG A 83 3.32 8.33 -7.59
CA ARG A 83 3.39 8.31 -9.08
C ARG A 83 2.26 7.57 -9.77
N ASP A 84 1.70 6.53 -9.12
CA ASP A 84 0.56 5.81 -9.64
C ASP A 84 -0.81 6.49 -9.35
N ASP A 85 -0.80 7.70 -8.84
CA ASP A 85 -2.01 8.50 -8.55
C ASP A 85 -2.87 7.82 -7.52
N LEU A 86 -2.24 7.07 -6.61
CA LEU A 86 -2.98 6.31 -5.57
C LEU A 86 -2.63 6.67 -4.16
N TRP A 87 -1.79 7.69 -3.99
CA TRP A 87 -1.16 7.92 -2.70
C TRP A 87 -0.71 9.35 -2.50
N CYS A 88 -0.72 9.79 -1.25
CA CYS A 88 -0.32 11.17 -0.89
C CYS A 88 0.71 11.08 0.21
N VAL A 89 1.82 11.80 0.09
CA VAL A 89 2.82 11.87 1.14
C VAL A 89 2.93 13.35 1.55
N GLU A 90 2.60 13.69 2.77
CA GLU A 90 2.74 15.07 3.29
C GLU A 90 4.23 15.36 3.52
N GLN A 91 4.60 16.64 3.46
CA GLN A 91 6.00 17.06 3.76
C GLN A 91 6.97 16.45 2.79
N ALA A 92 6.53 16.17 1.56
CA ALA A 92 7.37 15.47 0.58
C ALA A 92 8.61 16.30 0.23
N GLU A 93 8.43 17.60 0.25
CA GLU A 93 9.49 18.52 -0.16
C GLU A 93 10.55 18.67 0.96
N GLU A 94 10.27 18.18 2.18
CA GLU A 94 11.19 18.12 3.31
C GLU A 94 12.17 16.94 3.28
N LEU A 95 11.88 15.95 2.46
CA LEU A 95 12.64 14.71 2.43
C LEU A 95 13.92 14.94 1.61
N THR A 96 14.95 14.16 1.88
CA THR A 96 16.13 14.13 1.03
C THR A 96 16.03 12.97 0.01
N LEU A 97 16.17 13.26 -1.29
CA LEU A 97 16.07 12.22 -2.28
C LEU A 97 17.44 11.64 -2.60
N THR A 98 17.46 10.40 -3.02
CA THR A 98 18.67 9.74 -3.52
C THR A 98 18.42 9.04 -4.83
N SER A 99 19.50 8.62 -5.48
CA SER A 99 19.48 7.78 -6.66
C SER A 99 18.78 8.50 -7.79
N ARG A 100 19.32 9.70 -8.08
CA ARG A 100 18.75 10.57 -9.10
C ARG A 100 17.24 10.84 -8.89
N GLY A 101 16.85 11.14 -7.67
CA GLY A 101 15.44 11.51 -7.45
C GLY A 101 14.47 10.37 -7.42
N ARG A 102 14.96 9.14 -7.43
CA ARG A 102 14.04 8.02 -7.45
C ARG A 102 13.21 7.90 -6.16
N ARG A 103 13.82 8.22 -5.02
CA ARG A 103 13.22 7.95 -3.69
C ARG A 103 13.83 8.77 -2.58
N PRO A 104 13.11 9.00 -1.50
CA PRO A 104 13.66 9.52 -0.31
C PRO A 104 14.58 8.51 0.40
N THR A 105 15.56 9.05 1.08
CA THR A 105 16.43 8.18 1.90
C THR A 105 15.60 7.66 3.05
N LEU A 106 15.93 6.43 3.48
CA LEU A 106 15.33 5.91 4.70
C LEU A 106 15.64 6.82 5.88
N GLU A 107 16.84 7.42 5.90
CA GLU A 107 17.18 8.32 7.02
C GLU A 107 16.22 9.55 7.13
N SER A 108 15.89 10.12 5.97
N SER A 108 15.92 10.12 5.99
CA SER A 108 14.99 11.30 5.91
CA SER A 108 15.02 11.26 5.94
C SER A 108 13.55 10.91 6.16
C SER A 108 13.61 10.83 6.29
N LEU A 109 13.14 9.71 5.72
CA LEU A 109 11.78 9.19 6.12
C LEU A 109 11.69 9.04 7.62
N ASN A 110 12.73 8.48 8.23
CA ASN A 110 12.68 8.27 9.68
C ASN A 110 12.70 9.62 10.41
N ALA A 111 13.53 10.54 9.96
CA ALA A 111 13.66 11.86 10.61
C ALA A 111 12.45 12.76 10.48
N VAL A 112 11.89 12.87 9.29
CA VAL A 112 10.77 13.75 9.01
C VAL A 112 9.48 13.07 9.51
N ASP A 113 9.43 11.73 9.37
CA ASP A 113 8.26 10.91 9.71
C ASP A 113 6.99 11.47 9.09
N PRO A 114 7.00 11.66 7.77
CA PRO A 114 5.83 12.21 7.06
C PRO A 114 4.61 11.35 7.14
N SER A 115 3.45 11.99 7.20
CA SER A 115 2.21 11.23 7.10
C SER A 115 1.83 10.94 5.64
N ALA A 116 1.14 9.84 5.39
CA ALA A 116 0.77 9.51 4.08
C ALA A 116 -0.40 8.57 4.11
N GLY A 117 -1.02 8.47 2.94
CA GLY A 117 -2.09 7.51 2.72
C GLY A 117 -2.84 7.76 1.44
N LEU A 118 -4.03 7.14 1.35
CA LEU A 118 -4.83 7.23 0.13
C LEU A 118 -5.24 8.71 -0.12
N ARG A 119 -5.48 9.02 -1.36
CA ARG A 119 -6.17 10.27 -1.74
C ARG A 119 -7.55 10.41 -1.04
N GLU A 120 -7.97 11.64 -0.75
CA GLU A 120 -9.23 11.84 0.01
C GLU A 120 -10.43 11.24 -0.72
N ASP A 121 -10.54 11.50 -2.00
CA ASP A 121 -11.67 10.98 -2.80
C ASP A 121 -11.72 9.46 -2.79
N ASP A 122 -10.57 8.81 -2.90
CA ASP A 122 -10.51 7.35 -2.80
C ASP A 122 -10.88 6.83 -1.42
N TYR A 123 -10.29 7.39 -0.37
CA TYR A 123 -10.59 7.00 0.99
C TYR A 123 -12.11 7.18 1.24
N ASN A 124 -12.63 8.35 0.87
CA ASN A 124 -14.12 8.57 1.06
C ASN A 124 -14.94 7.56 0.29
N LEU A 125 -14.54 7.19 -0.95
CA LEU A 125 -15.26 6.13 -1.70
C LEU A 125 -15.26 4.79 -0.95
N LEU A 126 -14.07 4.33 -0.49
CA LEU A 126 -13.95 3.11 0.27
C LEU A 126 -14.86 3.06 1.49
N ARG A 127 -14.95 4.16 2.22
CA ARG A 127 -15.76 4.14 3.45
C ARG A 127 -17.25 4.14 3.11
N SER A 128 -17.60 4.95 2.12
CA SER A 128 -18.99 5.10 1.66
C SER A 128 -19.56 3.97 0.83
N GLN A 129 -18.73 3.28 0.04
CA GLN A 129 -19.18 2.20 -0.85
C GLN A 129 -18.33 1.01 -0.58
N PRO A 130 -18.71 0.24 0.42
CA PRO A 130 -17.94 -0.95 0.78
C PRO A 130 -17.86 -2.00 -0.34
N GLU A 131 -18.89 -2.11 -1.19
CA GLU A 131 -18.85 -2.99 -2.39
C GLU A 131 -17.69 -2.61 -3.33
N ALA A 132 -17.39 -1.32 -3.44
CA ALA A 132 -16.27 -0.82 -4.22
C ALA A 132 -14.96 -1.16 -3.54
N ALA A 133 -14.89 -1.13 -2.21
CA ALA A 133 -13.70 -1.59 -1.50
C ALA A 133 -13.44 -3.11 -1.70
N ALA A 134 -14.47 -3.91 -1.42
CA ALA A 134 -14.45 -5.36 -1.68
C ALA A 134 -13.91 -5.69 -3.12
N SER A 135 -14.43 -5.05 -4.15
N SER A 135 -14.47 -5.01 -4.11
CA SER A 135 -14.06 -5.41 -5.52
CA SER A 135 -14.19 -5.27 -5.50
C SER A 135 -12.64 -5.00 -5.80
C SER A 135 -12.74 -4.95 -5.81
N ALA A 136 -12.23 -3.81 -5.32
CA ALA A 136 -10.81 -3.43 -5.44
C ALA A 136 -9.86 -4.40 -4.67
N ALA A 137 -10.21 -4.80 -3.45
CA ALA A 137 -9.31 -5.68 -2.66
C ALA A 137 -9.31 -7.14 -3.32
N ALA A 138 -10.49 -7.60 -3.76
CA ALA A 138 -10.65 -8.90 -4.45
C ALA A 138 -9.87 -8.93 -5.74
N GLY A 139 -9.90 -7.83 -6.49
CA GLY A 139 -9.09 -7.72 -7.69
C GLY A 139 -7.62 -7.89 -7.41
N LEU A 140 -7.11 -7.22 -6.37
CA LEU A 140 -5.66 -7.39 -6.02
C LEU A 140 -5.35 -8.80 -5.57
N ILE A 141 -6.25 -9.40 -4.81
CA ILE A 141 -6.04 -10.75 -4.33
C ILE A 141 -6.05 -11.75 -5.49
N ALA A 142 -6.95 -11.56 -6.46
CA ALA A 142 -7.03 -12.48 -7.60
C ALA A 142 -5.81 -12.40 -8.43
N ARG A 143 -5.29 -11.19 -8.61
CA ARG A 143 -4.13 -11.05 -9.45
C ARG A 143 -2.80 -11.45 -8.81
N TYR A 144 -2.61 -11.13 -7.53
CA TYR A 144 -1.32 -11.30 -6.86
C TYR A 144 -1.24 -12.37 -5.77
N PHE A 145 -2.39 -12.79 -5.21
CA PHE A 145 -2.45 -13.75 -4.10
C PHE A 145 -3.50 -14.77 -4.45
N HIS A 146 -3.37 -15.31 -5.67
CA HIS A 146 -4.39 -16.15 -6.25
C HIS A 146 -4.51 -17.43 -5.41
N LEU A 147 -3.38 -18.00 -5.01
CA LEU A 147 -3.39 -19.00 -3.93
C LEU A 147 -3.44 -18.13 -2.74
N LEU A 148 -4.57 -18.11 -2.06
CA LEU A 148 -4.86 -17.22 -0.96
C LEU A 148 -4.38 -17.77 0.39
N PRO A 149 -3.26 -17.28 0.87
CA PRO A 149 -2.64 -17.71 2.10
C PRO A 149 -3.55 -17.69 3.32
N ALA A 150 -3.49 -18.74 4.16
CA ALA A 150 -4.21 -18.68 5.43
C ALA A 150 -3.64 -17.49 6.21
N GLY A 151 -4.57 -16.77 6.81
CA GLY A 151 -4.23 -15.62 7.58
C GLY A 151 -4.27 -14.33 6.82
N LEU A 152 -4.28 -14.35 5.49
CA LEU A 152 -4.11 -13.07 4.76
C LEU A 152 -5.29 -12.14 5.03
N LEU A 153 -6.51 -12.65 4.89
CA LEU A 153 -7.67 -11.78 5.09
C LEU A 153 -7.72 -11.17 6.47
N GLU A 154 -7.52 -11.99 7.51
CA GLU A 154 -7.44 -11.48 8.87
C GLU A 154 -6.31 -10.47 9.06
N ASP A 155 -5.14 -10.76 8.50
CA ASP A 155 -3.97 -9.92 8.79
C ASP A 155 -4.05 -8.57 8.09
N PHE A 156 -4.78 -8.53 6.98
CA PHE A 156 -5.03 -7.27 6.26
C PHE A 156 -6.32 -6.55 6.67
N GLY A 157 -7.10 -7.10 7.60
CA GLY A 157 -8.37 -6.56 7.98
C GLY A 157 -9.51 -6.64 6.99
N LEU A 158 -9.52 -7.67 6.16
CA LEU A 158 -10.42 -7.77 5.06
C LEU A 158 -11.37 -8.99 5.19
N HIS A 159 -11.31 -9.69 6.31
CA HIS A 159 -12.13 -10.90 6.48
C HIS A 159 -13.65 -10.61 6.42
N GLU A 160 -14.10 -9.62 7.18
CA GLU A 160 -15.54 -9.25 7.18
C GLU A 160 -15.92 -8.65 5.81
N LEU A 161 -15.04 -7.82 5.24
CA LEU A 161 -15.30 -7.17 3.96
C LEU A 161 -15.57 -8.20 2.89
N LEU A 162 -14.73 -9.23 2.82
CA LEU A 162 -14.77 -10.21 1.76
C LEU A 162 -15.63 -11.39 2.26
N ALA A 163 -16.94 -11.14 2.24
CA ALA A 163 -17.96 -11.92 2.93
C ALA A 163 -18.37 -13.17 2.13
P GS B 4 8.01 -1.49 -6.71
OP1 GS B 4 6.94 -2.04 -7.63
S2P GS B 4 7.41 -0.36 -5.14
O5' GS B 4 8.79 -2.80 -6.22
C5' GS B 4 9.98 -2.73 -5.41
C4' GS B 4 11.08 -3.57 -6.03
O4' GS B 4 11.82 -2.75 -6.98
C3' GS B 4 12.11 -4.13 -5.06
O3' GS B 4 12.43 -5.43 -5.57
C2' GS B 4 13.28 -3.17 -5.19
C1' GS B 4 13.20 -2.77 -6.66
N9 GS B 4 13.77 -1.44 -6.91
C8 GS B 4 13.41 -0.23 -6.36
N7 GS B 4 14.15 0.76 -6.78
C5 GS B 4 15.11 0.16 -7.58
C6 GS B 4 16.18 0.72 -8.29
O6 GS B 4 16.58 1.89 -8.28
N1 GS B 4 16.92 -0.26 -8.95
C2 GS B 4 16.59 -1.58 -9.03
N2 GS B 4 17.41 -2.37 -9.74
N3 GS B 4 15.58 -2.12 -8.37
C4 GS B 4 14.87 -1.19 -7.70
P GS C 4 24.74 7.75 -7.96
OP1 GS C 4 25.71 8.85 -7.84
S2P GS C 4 22.85 8.26 -8.52
O5' GS C 4 25.34 6.71 -9.01
C5' GS C 4 26.54 5.95 -8.66
C4' GS C 4 26.42 4.52 -9.13
O4' GS C 4 25.47 3.79 -8.28
C3' GS C 4 25.94 4.32 -10.56
O3' GS C 4 26.65 3.19 -11.10
C2' GS C 4 24.45 4.08 -10.37
C1' GS C 4 24.44 3.25 -9.10
N9 GS C 4 23.18 3.28 -8.33
C8 GS C 4 22.47 4.38 -7.91
N7 GS C 4 21.37 4.05 -7.25
C5 GS C 4 21.35 2.67 -7.30
C6 GS C 4 20.41 1.77 -6.77
O6 GS C 4 19.35 2.02 -6.15
N1 GS C 4 20.76 0.44 -7.04
C2 GS C 4 21.89 0.06 -7.73
N2 GS C 4 22.08 -1.25 -7.89
N3 GS C 4 22.77 0.90 -8.22
C4 GS C 4 22.45 2.17 -7.95
P PO4 D . -11.24 12.66 5.30
O1 PO4 D . -9.73 12.75 5.49
O2 PO4 D . -11.58 13.98 4.61
O3 PO4 D . -12.16 12.41 6.55
O4 PO4 D . -11.52 11.55 4.30
P PO4 E . 19.25 6.58 -14.81
O1 PO4 E . 18.37 7.65 -14.17
O2 PO4 E . 20.44 7.25 -15.45
O3 PO4 E . 19.78 5.64 -13.74
O4 PO4 E . 18.46 5.79 -15.87
P PO4 F . 19.48 0.50 -19.35
O1 PO4 F . 18.99 1.38 -18.20
O2 PO4 F . 20.66 1.14 -19.99
O3 PO4 F . 19.89 -0.85 -18.76
O4 PO4 F . 18.26 0.48 -20.27
#